data_4USU
#
_entry.id   4USU
#
_cell.length_a   100.840
_cell.length_b   100.840
_cell.length_c   96.770
_cell.angle_alpha   90.00
_cell.angle_beta   90.00
_cell.angle_gamma   120.00
#
_symmetry.space_group_name_H-M   'P 63'
#
loop_
_entity.id
_entity.type
_entity.pdbx_description
1 polymer 'ADENYLATE CYCLASE TYPE 10'
2 non-polymer 'DIPHOSPHOMETHYLPHOSPHONIC ACID ADENOSYL ESTER'
3 non-polymer 'CALCIUM ION'
4 non-polymer 'CHLORIDE ION'
5 non-polymer 1,2-ETHANEDIOL
6 water water
#
_entity_poly.entity_id   1
_entity_poly.type   'polypeptide(L)'
_entity_poly.pdbx_seq_one_letter_code
;MNTPKEEFQDWPIVRIAAHLPDLIVYGHFSPERPFMDYFDGVLMFVDISGFTAMTEKFSSAMYMDRGAEQLVEILNYHIS
AIVEKVLIFGGDILKFAGDALLALWRVERKQLKNIITVVIKCSLEIHGLFETQEWEEGLDIRVKIGLAAGHISMLVFGDE
THSHFLVIGQAVDDVRLAQNMAQMNDVILSPNCWQLCDRSMIEIESVPDQRAVKVNFLKPPPNFNFDEFFTKCTTFMHYY
PSGEHKNLLRLA(CME)TLKPDPELEMSLQKYVMESILKQIDNKQLQGYLSELRPVTIVFVNLMFEDQDKAEEIGPAIQD
AYMHITSVLKIFQGQINKVFMFDKGCSFLCVFGFPGEKVPDELTHALECAMDIFDFCSQVHKIQTVSIGVASGIVFCGIV
GHTVRHEYTVIGQKVNLAARMMMYYPGIVTCDSVTYNGSNLPAYFFKELPKKVMKGVADSGPLYQYWGRTEKVHHHHHH
;
_entity_poly.pdbx_strand_id   A
#
loop_
_chem_comp.id
_chem_comp.type
_chem_comp.name
_chem_comp.formula
APC non-polymer 'DIPHOSPHOMETHYLPHOSPHONIC ACID ADENOSYL ESTER' 'C11 H18 N5 O12 P3'
CA non-polymer 'CALCIUM ION' 'Ca 2'
CL non-polymer 'CHLORIDE ION' 'Cl -1'
EDO non-polymer 1,2-ETHANEDIOL 'C2 H6 O2'
#
# COMPACT_ATOMS: atom_id res chain seq x y z
N MET A 1 -1.72 50.86 6.16
CA MET A 1 -1.94 49.77 5.10
C MET A 1 -2.53 48.54 5.72
N ASN A 2 -3.50 47.92 5.08
CA ASN A 2 -4.04 46.69 5.60
C ASN A 2 -3.06 45.53 5.48
N THR A 3 -3.26 44.54 6.36
CA THR A 3 -2.57 43.28 6.32
C THR A 3 -3.67 42.17 6.24
N PRO A 4 -4.33 42.05 5.07
CA PRO A 4 -5.49 41.17 4.95
C PRO A 4 -5.15 39.71 5.01
N LYS A 5 -6.14 38.93 5.38
CA LYS A 5 -5.88 37.53 5.61
C LYS A 5 -5.54 36.90 4.25
N GLU A 6 -4.60 35.98 4.27
CA GLU A 6 -4.25 35.23 3.06
C GLU A 6 -4.95 33.88 3.07
N GLU A 7 -6.02 33.74 2.27
CA GLU A 7 -6.73 32.44 2.10
C GLU A 7 -5.71 31.34 1.67
N PHE A 8 -5.92 30.12 2.15
CA PHE A 8 -5.09 28.93 1.80
C PHE A 8 -5.22 28.75 0.30
N GLN A 9 -4.11 28.54 -0.42
CA GLN A 9 -4.31 28.31 -1.85
C GLN A 9 -4.01 26.80 -2.14
N ASP A 10 -5.08 26.14 -2.56
CA ASP A 10 -4.99 24.74 -2.85
CA ASP A 10 -4.96 24.71 -2.85
C ASP A 10 -4.51 24.59 -4.29
N TRP A 11 -3.28 25.02 -4.54
CA TRP A 11 -2.69 24.87 -5.86
C TRP A 11 -2.67 23.41 -6.29
N PRO A 12 -2.61 23.16 -7.61
CA PRO A 12 -2.40 21.83 -8.08
C PRO A 12 -1.24 21.08 -7.48
N ILE A 13 -0.09 21.70 -7.30
CA ILE A 13 1.06 21.01 -6.72
C ILE A 13 0.76 20.51 -5.28
N VAL A 14 -0.04 21.27 -4.53
CA VAL A 14 -0.43 20.87 -3.18
C VAL A 14 -1.40 19.68 -3.26
N ARG A 15 -2.32 19.72 -4.22
CA ARG A 15 -3.22 18.58 -4.38
C ARG A 15 -2.50 17.31 -4.79
N ILE A 16 -1.51 17.46 -5.66
CA ILE A 16 -0.66 16.35 -6.03
C ILE A 16 0.07 15.77 -4.82
N ALA A 17 0.68 16.65 -4.02
CA ALA A 17 1.50 16.20 -2.91
C ALA A 17 0.63 15.45 -1.87
N ALA A 18 -0.68 15.66 -1.77
CA ALA A 18 -1.53 14.79 -0.89
C ALA A 18 -1.41 13.33 -1.18
N HIS A 19 -1.10 13.01 -2.45
CA HIS A 19 -0.99 11.61 -2.86
C HIS A 19 0.37 10.95 -2.65
N LEU A 20 1.33 11.71 -2.09
CA LEU A 20 2.72 11.25 -1.94
C LEU A 20 3.24 11.50 -0.51
N PRO A 21 4.15 10.62 -0.04
CA PRO A 21 4.82 10.83 1.21
C PRO A 21 5.91 11.93 1.08
N ASP A 22 6.35 12.48 2.23
CA ASP A 22 7.48 13.39 2.32
C ASP A 22 8.74 12.82 1.75
N LEU A 23 8.89 11.51 1.86
CA LEU A 23 9.97 10.77 1.27
C LEU A 23 10.18 11.10 -0.20
N ILE A 24 9.07 11.28 -0.94
CA ILE A 24 9.11 11.64 -2.34
C ILE A 24 8.97 13.14 -2.46
N VAL A 25 8.01 13.74 -1.78
CA VAL A 25 7.79 15.20 -1.97
C VAL A 25 9.07 16.06 -1.81
N TYR A 26 9.83 15.76 -0.75
CA TYR A 26 11.02 16.50 -0.39
C TYR A 26 12.29 15.71 -0.77
N GLY A 27 12.15 14.66 -1.57
CA GLY A 27 13.28 13.80 -1.86
C GLY A 27 14.23 14.34 -2.90
N HIS A 28 13.80 14.99 -3.93
CA HIS A 28 14.86 15.44 -4.86
C HIS A 28 16.05 14.44 -5.17
N PHE A 29 15.79 13.24 -5.67
CA PHE A 29 16.88 12.33 -6.10
C PHE A 29 16.94 12.38 -7.59
N SER A 30 17.95 11.70 -8.14
CA SER A 30 18.11 11.60 -9.58
C SER A 30 16.86 11.11 -10.38
N PRO A 31 16.77 11.49 -11.69
CA PRO A 31 15.68 10.91 -12.46
C PRO A 31 16.13 9.58 -13.16
N GLU A 32 17.41 9.19 -13.07
CA GLU A 32 17.83 7.83 -13.38
C GLU A 32 16.96 6.69 -12.72
N ARG A 33 16.81 5.60 -13.46
CA ARG A 33 15.94 4.47 -13.05
C ARG A 33 16.64 3.16 -13.36
N PRO A 34 16.83 2.28 -12.40
CA PRO A 34 16.39 2.40 -11.01
C PRO A 34 17.29 3.38 -10.20
N PHE A 35 16.71 3.92 -9.13
CA PHE A 35 17.47 4.72 -8.21
C PHE A 35 17.26 4.07 -6.87
N MET A 36 18.34 3.96 -6.12
CA MET A 36 18.24 3.34 -4.77
C MET A 36 18.87 4.24 -3.72
N ASP A 37 18.23 4.32 -2.56
CA ASP A 37 18.66 5.15 -1.42
C ASP A 37 18.57 4.26 -0.19
N TYR A 38 19.35 4.55 0.86
CA TYR A 38 19.46 3.68 2.04
C TYR A 38 19.37 4.57 3.30
N PHE A 39 18.66 4.13 4.32
CA PHE A 39 18.47 4.91 5.52
C PHE A 39 18.03 3.98 6.64
N ASP A 40 17.78 4.55 7.80
CA ASP A 40 17.22 3.78 8.89
C ASP A 40 15.94 4.44 9.30
N GLY A 41 15.09 3.66 9.94
CA GLY A 41 13.84 4.14 10.43
C GLY A 41 13.02 3.09 11.15
N VAL A 42 11.87 3.55 11.61
CA VAL A 42 10.86 2.72 12.22
C VAL A 42 9.66 2.68 11.29
N LEU A 43 9.12 1.49 11.08
CA LEU A 43 7.96 1.28 10.24
C LEU A 43 6.78 0.87 11.07
N MET A 44 5.62 1.34 10.66
CA MET A 44 4.36 0.93 11.26
C MET A 44 3.43 0.50 10.19
N PHE A 45 2.92 -0.72 10.28
CA PHE A 45 2.01 -1.24 9.27
C PHE A 45 0.66 -1.47 9.98
N VAL A 46 -0.32 -0.65 9.63
CA VAL A 46 -1.64 -0.60 10.26
C VAL A 46 -2.62 -1.27 9.31
N ASP A 47 -3.24 -2.37 9.78
CA ASP A 47 -4.11 -3.16 8.92
C ASP A 47 -5.49 -3.25 9.53
N ILE A 48 -6.50 -2.60 8.92
CA ILE A 48 -7.93 -2.74 9.31
C ILE A 48 -8.55 -4.04 8.78
N SER A 49 -9.13 -4.82 9.71
CA SER A 49 -9.95 -5.97 9.38
C SER A 49 -11.42 -5.59 9.34
N GLY A 50 -12.15 -6.07 8.34
CA GLY A 50 -13.61 -5.97 8.27
C GLY A 50 -14.13 -5.12 7.12
N PHE A 51 -13.27 -4.44 6.39
CA PHE A 51 -13.79 -3.64 5.33
C PHE A 51 -14.03 -4.39 4.09
N THR A 52 -13.38 -5.53 3.84
CA THR A 52 -13.77 -6.25 2.59
C THR A 52 -15.16 -6.93 2.74
N ALA A 53 -15.47 -7.40 3.96
CA ALA A 53 -16.83 -7.87 4.22
C ALA A 53 -17.84 -6.76 4.14
N MET A 54 -17.53 -5.58 4.65
CA MET A 54 -18.41 -4.40 4.54
C MET A 54 -18.56 -3.99 3.07
N THR A 55 -17.47 -4.08 2.31
CA THR A 55 -17.55 -3.84 0.91
C THR A 55 -18.55 -4.73 0.26
N GLU A 56 -18.48 -6.02 0.56
CA GLU A 56 -19.43 -6.94 -0.03
C GLU A 56 -20.85 -6.53 0.39
N LYS A 57 -21.07 -6.20 1.67
CA LYS A 57 -22.40 -5.88 2.14
C LYS A 57 -22.95 -4.59 1.54
N PHE A 58 -22.09 -3.63 1.17
CA PHE A 58 -22.55 -2.33 0.64
C PHE A 58 -23.01 -2.36 -0.81
N SER A 59 -22.71 -3.46 -1.50
CA SER A 59 -23.43 -3.74 -2.76
C SER A 59 -24.93 -4.19 -2.62
N SER A 60 -25.36 -4.48 -1.40
CA SER A 60 -26.71 -5.02 -1.22
C SER A 60 -27.78 -3.88 -1.41
N ALA A 61 -28.99 -4.33 -1.73
CA ALA A 61 -30.10 -3.45 -2.04
C ALA A 61 -30.40 -2.41 -0.92
N MET A 62 -30.03 -2.71 0.33
CA MET A 62 -30.42 -1.79 1.45
C MET A 62 -29.79 -0.43 1.31
N TYR A 63 -28.63 -0.46 0.64
CA TYR A 63 -27.78 0.75 0.37
C TYR A 63 -28.28 1.64 -0.82
N MET A 64 -29.25 1.10 -1.57
CA MET A 64 -30.04 1.91 -2.51
C MET A 64 -29.10 2.59 -3.51
N ASP A 65 -28.17 1.79 -4.03
CA ASP A 65 -27.19 2.21 -5.02
C ASP A 65 -26.31 3.39 -4.60
N ARG A 66 -26.17 3.62 -3.29
CA ARG A 66 -25.23 4.62 -2.81
C ARG A 66 -24.21 3.89 -2.02
N GLY A 67 -24.01 2.61 -2.36
CA GLY A 67 -23.02 1.88 -1.62
C GLY A 67 -21.60 2.39 -1.67
N ALA A 68 -21.12 2.73 -2.84
CA ALA A 68 -19.77 3.31 -2.94
C ALA A 68 -19.63 4.56 -2.11
N GLU A 69 -20.64 5.40 -2.18
CA GLU A 69 -20.60 6.68 -1.44
C GLU A 69 -20.60 6.46 0.08
N GLN A 70 -21.46 5.55 0.52
CA GLN A 70 -21.51 5.23 1.96
C GLN A 70 -20.22 4.59 2.43
N LEU A 71 -19.68 3.70 1.60
CA LEU A 71 -18.45 2.97 1.96
C LEU A 71 -17.29 3.87 2.13
N VAL A 72 -17.07 4.71 1.15
CA VAL A 72 -15.94 5.62 1.24
C VAL A 72 -16.05 6.61 2.36
N GLU A 73 -17.28 7.07 2.62
CA GLU A 73 -17.51 7.97 3.72
C GLU A 73 -17.10 7.29 5.07
N ILE A 74 -17.65 6.14 5.32
CA ILE A 74 -17.39 5.46 6.63
C ILE A 74 -15.92 4.99 6.71
N LEU A 75 -15.34 4.56 5.60
CA LEU A 75 -13.90 4.23 5.59
C LEU A 75 -12.98 5.40 5.87
N ASN A 76 -13.22 6.51 5.18
CA ASN A 76 -12.41 7.71 5.41
C ASN A 76 -12.59 8.37 6.70
N TYR A 77 -13.80 8.30 7.24
CA TYR A 77 -14.02 8.80 8.60
C TYR A 77 -13.07 8.07 9.54
N HIS A 78 -12.99 6.75 9.45
CA HIS A 78 -12.05 6.03 10.29
C HIS A 78 -10.58 6.17 9.91
N ILE A 79 -10.22 5.94 8.66
CA ILE A 79 -8.86 6.03 8.24
C ILE A 79 -8.30 7.43 8.43
N SER A 80 -9.12 8.49 8.22
CA SER A 80 -8.63 9.87 8.47
C SER A 80 -8.11 10.08 9.87
N ALA A 81 -8.79 9.48 10.82
CA ALA A 81 -8.44 9.63 12.20
C ALA A 81 -7.11 8.98 12.51
N ILE A 82 -6.88 7.83 11.90
CA ILE A 82 -5.61 7.11 12.02
C ILE A 82 -4.46 7.87 11.34
N VAL A 83 -4.70 8.40 10.15
CA VAL A 83 -3.76 9.26 9.41
C VAL A 83 -3.39 10.48 10.24
N GLU A 84 -4.38 11.16 10.81
CA GLU A 84 -4.02 12.22 11.70
C GLU A 84 -3.12 11.86 12.82
N LYS A 85 -3.37 10.78 13.53
CA LYS A 85 -2.45 10.41 14.63
C LYS A 85 -1.06 10.12 14.19
N VAL A 86 -0.89 9.41 13.10
CA VAL A 86 0.42 9.19 12.52
C VAL A 86 1.08 10.55 12.23
N LEU A 87 0.38 11.47 11.58
CA LEU A 87 1.03 12.70 11.23
C LEU A 87 1.42 13.53 12.48
N ILE A 88 0.49 13.63 13.40
CA ILE A 88 0.70 14.39 14.66
C ILE A 88 1.86 13.85 15.51
N PHE A 89 2.09 12.54 15.40
CA PHE A 89 3.17 11.83 16.08
C PHE A 89 4.47 11.86 15.23
N GLY A 90 4.42 12.50 14.07
CA GLY A 90 5.62 12.80 13.31
C GLY A 90 5.95 11.83 12.19
N GLY A 91 5.03 10.91 11.87
CA GLY A 91 5.33 9.85 10.89
C GLY A 91 5.02 10.34 9.47
N ASP A 92 5.50 9.56 8.49
CA ASP A 92 5.27 9.85 7.08
C ASP A 92 4.45 8.68 6.55
N ILE A 93 3.20 8.91 6.11
CA ILE A 93 2.47 7.81 5.51
C ILE A 93 3.07 7.56 4.16
N LEU A 94 3.61 6.37 3.99
CA LEU A 94 4.20 5.99 2.73
C LEU A 94 3.25 5.58 1.62
N LYS A 95 2.25 4.77 1.97
CA LYS A 95 1.43 4.09 0.99
C LYS A 95 0.19 3.55 1.69
N PHE A 96 -0.97 3.65 1.02
CA PHE A 96 -2.17 2.94 1.37
C PHE A 96 -2.29 1.68 0.48
N ALA A 97 -2.74 0.60 1.08
CA ALA A 97 -2.94 -0.63 0.35
C ALA A 97 -4.29 -1.11 0.80
N GLY A 98 -5.33 -0.71 0.09
CA GLY A 98 -6.68 -1.15 0.45
C GLY A 98 -7.09 -0.53 1.78
N ASP A 99 -7.43 -1.38 2.75
CA ASP A 99 -7.77 -0.91 4.11
C ASP A 99 -6.59 -0.92 5.09
N ALA A 100 -5.37 -1.01 4.55
CA ALA A 100 -4.18 -0.92 5.33
C ALA A 100 -3.31 0.27 4.92
N LEU A 101 -2.36 0.62 5.77
CA LEU A 101 -1.36 1.63 5.44
C LEU A 101 -0.01 1.33 6.07
N LEU A 102 1.04 1.88 5.45
CA LEU A 102 2.37 1.78 5.93
C LEU A 102 2.94 3.17 6.17
N ALA A 103 3.49 3.33 7.35
CA ALA A 103 4.06 4.62 7.83
C ALA A 103 5.52 4.44 8.25
N LEU A 104 6.29 5.51 8.07
CA LEU A 104 7.73 5.56 8.28
C LEU A 104 8.15 6.73 9.18
N TRP A 105 9.00 6.43 10.18
CA TRP A 105 9.74 7.49 10.89
C TRP A 105 11.20 7.31 10.54
N ARG A 106 11.69 8.16 9.67
CA ARG A 106 13.04 8.05 9.19
C ARG A 106 13.93 8.85 10.14
N VAL A 107 14.90 8.19 10.72
CA VAL A 107 15.82 8.83 11.66
C VAL A 107 17.20 8.27 11.56
N GLU A 108 18.15 9.05 12.09
CA GLU A 108 19.51 8.58 12.31
CA GLU A 108 19.50 8.55 12.27
C GLU A 108 19.44 7.41 13.29
N ARG A 109 20.40 6.51 13.13
CA ARG A 109 20.46 5.29 13.84
C ARG A 109 20.46 5.46 15.39
N LYS A 110 21.17 6.48 15.91
CA LYS A 110 21.19 6.75 17.34
C LYS A 110 19.87 7.12 17.89
N GLN A 111 18.97 7.61 17.03
CA GLN A 111 17.66 8.00 17.50
C GLN A 111 16.58 6.90 17.44
N LEU A 112 16.88 5.73 16.87
CA LEU A 112 15.86 4.68 16.77
C LEU A 112 15.22 4.34 18.07
N LYS A 113 16.01 4.16 19.13
CA LYS A 113 15.46 3.69 20.39
C LYS A 113 14.39 4.66 20.86
N ASN A 114 14.70 5.93 20.88
CA ASN A 114 13.67 6.88 21.37
C ASN A 114 12.47 6.96 20.46
N ILE A 115 12.73 6.93 19.18
CA ILE A 115 11.64 6.99 18.20
C ILE A 115 10.73 5.79 18.28
N ILE A 116 11.29 4.62 18.54
CA ILE A 116 10.41 3.47 18.79
C ILE A 116 9.33 3.72 19.90
N THR A 117 9.71 4.41 20.95
CA THR A 117 8.76 4.76 22.04
C THR A 117 7.63 5.68 21.58
N VAL A 118 8.00 6.64 20.76
CA VAL A 118 7.02 7.50 20.11
C VAL A 118 6.04 6.70 19.23
N VAL A 119 6.59 5.90 18.36
CA VAL A 119 5.75 5.06 17.48
C VAL A 119 4.87 4.05 18.27
N ILE A 120 5.37 3.52 19.38
CA ILE A 120 4.52 2.65 20.20
C ILE A 120 3.36 3.41 20.85
N LYS A 121 3.67 4.58 21.34
CA LYS A 121 2.67 5.41 21.95
C LYS A 121 1.56 5.76 20.91
N CYS A 122 1.98 6.10 19.70
CA CYS A 122 1.07 6.30 18.63
C CYS A 122 0.25 5.03 18.35
N SER A 123 0.88 3.88 18.33
CA SER A 123 0.19 2.70 17.87
C SER A 123 -0.90 2.31 18.89
N LEU A 124 -0.63 2.61 20.17
CA LEU A 124 -1.54 2.35 21.27
C LEU A 124 -2.69 3.34 21.31
N GLU A 125 -2.43 4.56 20.92
CA GLU A 125 -3.51 5.47 20.65
C GLU A 125 -4.37 5.05 19.46
N ILE A 126 -3.81 4.48 18.40
CA ILE A 126 -4.60 4.01 17.25
C ILE A 126 -5.41 2.76 17.61
N HIS A 127 -4.75 1.83 18.30
CA HIS A 127 -5.42 0.66 18.91
C HIS A 127 -6.66 1.12 19.72
N GLY A 128 -6.47 2.16 20.53
CA GLY A 128 -7.53 2.84 21.24
C GLY A 128 -8.76 3.21 20.44
N LEU A 129 -8.59 3.82 19.29
CA LEU A 129 -9.76 4.23 18.49
C LEU A 129 -10.71 3.04 18.24
N PHE A 130 -10.12 1.84 18.11
CA PHE A 130 -10.88 0.59 17.84
C PHE A 130 -11.50 -0.09 19.08
N GLU A 131 -11.17 0.39 20.27
CA GLU A 131 -11.74 -0.16 21.49
C GLU A 131 -12.91 0.70 21.96
N THR A 132 -13.42 1.57 21.10
CA THR A 132 -14.53 2.43 21.48
C THR A 132 -15.90 2.21 20.79
N GLN A 133 -16.00 2.53 19.50
CA GLN A 133 -17.25 2.48 18.69
C GLN A 133 -17.00 2.94 17.22
N LEU A 139 -19.50 -0.83 12.06
CA LEU A 139 -19.54 -1.48 13.37
C LEU A 139 -18.49 -2.60 13.53
N ASP A 140 -18.31 -3.52 12.56
CA ASP A 140 -17.48 -4.80 12.78
C ASP A 140 -15.94 -4.79 12.41
N ILE A 141 -15.18 -3.77 12.82
CA ILE A 141 -13.80 -3.61 12.35
C ILE A 141 -12.77 -3.71 13.45
N ARG A 142 -11.65 -4.35 13.16
CA ARG A 142 -10.51 -4.50 14.10
C ARG A 142 -9.26 -3.94 13.41
N VAL A 143 -8.19 -3.77 14.17
CA VAL A 143 -6.92 -3.27 13.65
C VAL A 143 -5.76 -4.09 14.15
N LYS A 144 -4.98 -4.62 13.24
CA LYS A 144 -3.70 -5.23 13.59
C LYS A 144 -2.55 -4.24 13.20
N ILE A 145 -1.62 -4.01 14.12
CA ILE A 145 -0.47 -3.15 13.93
C ILE A 145 0.81 -3.94 14.11
N GLY A 146 1.64 -3.92 13.06
CA GLY A 146 3.00 -4.41 13.15
C GLY A 146 3.99 -3.27 13.13
N LEU A 147 5.02 -3.38 13.98
CA LEU A 147 6.13 -2.41 14.02
C LEU A 147 7.46 -3.09 13.72
N ALA A 148 8.32 -2.39 12.99
CA ALA A 148 9.68 -2.86 12.75
C ALA A 148 10.65 -1.70 12.80
N ALA A 149 11.90 -2.00 13.02
CA ALA A 149 12.91 -0.96 12.96
C ALA A 149 14.21 -1.53 12.47
N GLY A 150 15.00 -0.67 11.84
CA GLY A 150 16.31 -0.98 11.28
C GLY A 150 16.58 -0.32 9.91
N HIS A 151 17.41 -1.01 9.12
CA HIS A 151 17.84 -0.51 7.84
C HIS A 151 16.72 -0.63 6.85
N ILE A 152 16.59 0.36 6.01
CA ILE A 152 15.53 0.38 4.99
C ILE A 152 16.19 0.86 3.69
N SER A 153 15.83 0.27 2.57
CA SER A 153 16.23 0.83 1.30
C SER A 153 14.97 1.31 0.59
N MET A 154 15.09 2.37 -0.18
CA MET A 154 14.06 2.79 -1.13
C MET A 154 14.54 2.58 -2.59
N LEU A 155 13.62 2.10 -3.44
CA LEU A 155 13.85 1.96 -4.87
C LEU A 155 12.86 2.88 -5.55
N VAL A 156 13.35 3.67 -6.51
CA VAL A 156 12.52 4.43 -7.42
C VAL A 156 12.74 3.83 -8.82
N PHE A 157 11.66 3.47 -9.49
CA PHE A 157 11.73 2.81 -10.78
C PHE A 157 10.62 3.42 -11.65
N GLY A 158 10.79 3.27 -12.96
CA GLY A 158 9.83 3.75 -13.92
C GLY A 158 10.46 4.25 -15.18
N ASP A 159 9.72 5.10 -15.89
CA ASP A 159 10.13 5.50 -17.21
C ASP A 159 9.97 6.99 -17.29
N GLU A 160 9.90 7.55 -18.50
CA GLU A 160 9.97 9.02 -18.58
CA GLU A 160 9.95 9.00 -18.67
C GLU A 160 8.66 9.69 -18.21
N THR A 161 7.56 8.96 -18.14
CA THR A 161 6.31 9.57 -17.72
C THR A 161 5.71 9.04 -16.43
N HIS A 162 6.21 7.91 -15.91
CA HIS A 162 5.65 7.27 -14.73
C HIS A 162 6.77 6.94 -13.80
N SER A 163 6.52 7.15 -12.51
CA SER A 163 7.43 6.80 -11.43
C SER A 163 6.68 5.99 -10.38
N HIS A 164 7.41 5.08 -9.72
CA HIS A 164 6.90 4.32 -8.58
C HIS A 164 8.03 4.25 -7.61
N PHE A 165 7.73 4.20 -6.33
CA PHE A 165 8.75 3.84 -5.35
C PHE A 165 8.28 2.66 -4.52
N LEU A 166 9.22 1.98 -3.88
CA LEU A 166 8.86 1.10 -2.78
C LEU A 166 10.00 0.95 -1.80
N VAL A 167 9.67 0.46 -0.61
CA VAL A 167 10.74 0.25 0.42
C VAL A 167 11.07 -1.24 0.49
N ILE A 168 12.29 -1.56 0.84
CA ILE A 168 12.82 -2.90 0.80
C ILE A 168 13.64 -3.13 2.04
N GLY A 169 13.71 -4.39 2.47
CA GLY A 169 14.73 -4.89 3.39
C GLY A 169 14.12 -5.62 4.56
N GLN A 170 14.96 -5.99 5.50
CA GLN A 170 14.50 -6.89 6.54
C GLN A 170 13.39 -6.28 7.36
N ALA A 171 13.55 -5.00 7.70
CA ALA A 171 12.54 -4.23 8.45
C ALA A 171 11.22 -4.21 7.69
N VAL A 172 11.30 -4.09 6.38
CA VAL A 172 10.07 -4.11 5.56
C VAL A 172 9.41 -5.47 5.67
N ASP A 173 10.19 -6.54 5.45
CA ASP A 173 9.65 -7.95 5.59
C ASP A 173 9.04 -8.17 6.97
N ASP A 174 9.74 -7.67 7.98
CA ASP A 174 9.40 -7.86 9.37
C ASP A 174 8.12 -7.20 9.75
N VAL A 175 7.93 -5.98 9.25
CA VAL A 175 6.74 -5.25 9.63
C VAL A 175 5.47 -5.98 9.12
N ARG A 176 5.58 -6.65 7.99
CA ARG A 176 4.42 -7.36 7.47
C ARG A 176 4.27 -8.69 8.23
N LEU A 177 5.37 -9.41 8.43
CA LEU A 177 5.38 -10.59 9.31
C LEU A 177 4.71 -10.30 10.68
N ALA A 178 5.13 -9.21 11.30
CA ALA A 178 4.64 -8.79 12.62
C ALA A 178 3.16 -8.55 12.58
N GLN A 179 2.73 -7.74 11.62
CA GLN A 179 1.32 -7.46 11.44
C GLN A 179 0.41 -8.76 11.19
N ASN A 180 0.89 -9.69 10.37
CA ASN A 180 0.24 -11.01 10.16
C ASN A 180 0.05 -11.91 11.35
N MET A 181 0.91 -11.76 12.37
CA MET A 181 0.76 -12.48 13.66
C MET A 181 -0.23 -11.87 14.59
N ALA A 182 -0.65 -10.64 14.35
CA ALA A 182 -1.38 -9.94 15.38
C ALA A 182 -2.77 -10.57 15.55
N GLN A 183 -3.09 -10.95 16.78
CA GLN A 183 -4.47 -11.27 17.07
C GLN A 183 -5.17 -9.95 16.90
N MET A 184 -6.48 -10.02 16.77
CA MET A 184 -7.24 -8.84 16.47
C MET A 184 -7.04 -7.80 17.58
N ASN A 185 -6.51 -6.68 17.15
CA ASN A 185 -6.19 -5.53 17.98
C ASN A 185 -4.86 -5.55 18.70
N ASP A 186 -4.00 -6.47 18.31
CA ASP A 186 -2.63 -6.48 18.83
C ASP A 186 -1.72 -5.49 18.11
N VAL A 187 -0.73 -5.04 18.89
CA VAL A 187 0.45 -4.35 18.43
C VAL A 187 1.62 -5.24 18.67
N ILE A 188 2.25 -5.65 17.57
CA ILE A 188 3.35 -6.59 17.56
C ILE A 188 4.63 -5.86 17.16
N LEU A 189 5.73 -6.10 17.86
CA LEU A 189 7.07 -5.59 17.50
C LEU A 189 7.89 -6.67 16.88
N SER A 190 8.62 -6.32 15.81
CA SER A 190 9.55 -7.26 15.21
C SER A 190 10.62 -7.60 16.25
N PRO A 191 11.34 -8.73 16.02
CA PRO A 191 12.35 -9.07 17.02
C PRO A 191 13.40 -7.96 17.07
N ASN A 192 13.75 -7.38 15.91
CA ASN A 192 14.76 -6.34 15.91
C ASN A 192 14.30 -5.05 16.57
N CYS A 193 13.05 -4.68 16.32
CA CYS A 193 12.43 -3.59 17.03
C CYS A 193 12.50 -3.79 18.57
N TRP A 194 12.13 -4.97 19.03
CA TRP A 194 12.15 -5.30 20.45
C TRP A 194 13.59 -5.15 21.08
N GLN A 195 14.57 -5.63 20.35
CA GLN A 195 15.99 -5.53 20.66
C GLN A 195 16.54 -4.10 20.76
N LEU A 196 16.00 -3.18 19.97
CA LEU A 196 16.45 -1.78 19.97
C LEU A 196 15.58 -0.93 20.87
N CYS A 197 14.40 -1.40 21.25
CA CYS A 197 13.52 -0.49 21.99
C CYS A 197 14.03 -0.28 23.45
N ASP A 198 13.38 0.63 24.17
CA ASP A 198 13.69 0.93 25.55
C ASP A 198 12.86 0.01 26.41
N ARG A 199 13.43 -1.15 26.69
CA ARG A 199 12.73 -2.23 27.36
C ARG A 199 12.29 -1.87 28.80
N SER A 200 12.90 -0.84 29.38
CA SER A 200 12.52 -0.41 30.72
C SER A 200 11.18 0.31 30.75
N MET A 201 10.63 0.60 29.60
CA MET A 201 9.35 1.27 29.47
C MET A 201 8.24 0.43 28.87
N ILE A 202 8.62 -0.62 28.19
CA ILE A 202 7.67 -1.27 27.31
C ILE A 202 7.48 -2.66 27.87
N GLU A 203 6.25 -2.90 28.32
CA GLU A 203 5.81 -4.14 28.90
C GLU A 203 5.17 -4.91 27.82
N ILE A 204 5.77 -6.07 27.56
CA ILE A 204 5.38 -7.00 26.53
C ILE A 204 4.99 -8.36 27.12
N GLU A 205 4.24 -9.13 26.31
CA GLU A 205 4.09 -10.59 26.45
C GLU A 205 4.61 -11.24 25.16
N SER A 206 5.27 -12.39 25.31
CA SER A 206 5.88 -13.05 24.14
C SER A 206 4.83 -13.78 23.28
N VAL A 207 5.30 -14.31 22.14
CA VAL A 207 4.35 -14.80 21.14
C VAL A 207 4.80 -16.19 20.74
N PRO A 208 3.85 -17.17 20.73
CA PRO A 208 3.96 -18.58 20.31
C PRO A 208 4.88 -18.86 19.11
N ASP A 209 5.97 -19.60 19.36
CA ASP A 209 6.96 -20.00 18.33
C ASP A 209 7.47 -18.77 17.63
N GLN A 210 7.61 -17.68 18.36
CA GLN A 210 7.93 -16.41 17.75
C GLN A 210 8.87 -15.64 18.63
N ARG A 211 9.86 -15.04 17.98
CA ARG A 211 10.74 -14.08 18.60
C ARG A 211 10.07 -12.68 18.64
N ALA A 212 9.11 -12.39 17.73
CA ALA A 212 8.34 -11.12 17.81
C ALA A 212 7.56 -11.05 19.14
N VAL A 213 7.14 -9.86 19.55
CA VAL A 213 6.51 -9.71 20.87
C VAL A 213 5.31 -8.85 20.79
N LYS A 214 4.42 -9.04 21.74
CA LYS A 214 3.20 -8.23 21.84
C LYS A 214 3.30 -7.10 22.90
N VAL A 215 2.89 -5.91 22.51
CA VAL A 215 2.96 -4.81 23.45
C VAL A 215 1.75 -4.85 24.39
N ASN A 216 1.96 -4.89 25.70
CA ASN A 216 0.83 -4.74 26.59
C ASN A 216 0.62 -3.26 26.91
N PHE A 217 1.63 -2.61 27.45
CA PHE A 217 1.49 -1.21 27.75
C PHE A 217 2.87 -0.55 27.92
N LEU A 218 2.81 0.78 28.02
CA LEU A 218 3.92 1.62 28.38
C LEU A 218 3.89 1.79 29.88
N LYS A 219 5.08 1.82 30.45
CA LYS A 219 5.23 1.92 31.86
C LYS A 219 6.30 2.96 32.12
N PRO A 220 5.97 4.24 31.86
CA PRO A 220 6.97 5.28 31.97
C PRO A 220 7.63 5.29 33.31
N PRO A 221 8.96 5.55 33.36
CA PRO A 221 9.62 5.81 34.63
C PRO A 221 9.11 7.09 35.35
N PRO A 222 9.35 7.17 36.65
CA PRO A 222 8.94 8.27 37.47
C PRO A 222 9.09 9.65 36.92
N ASN A 223 10.21 9.95 36.30
CA ASN A 223 10.34 11.34 35.94
C ASN A 223 9.80 11.65 34.53
N PHE A 224 9.30 10.61 33.87
CA PHE A 224 9.06 10.69 32.40
C PHE A 224 7.88 11.59 32.07
N ASN A 225 8.07 12.47 31.09
CA ASN A 225 7.04 13.39 30.58
C ASN A 225 6.93 13.25 29.05
N PHE A 226 5.82 12.75 28.54
CA PHE A 226 5.85 12.34 27.16
C PHE A 226 6.02 13.55 26.27
N ASP A 227 5.49 14.71 26.66
CA ASP A 227 5.49 15.89 25.81
C ASP A 227 6.88 16.45 25.70
N GLU A 228 7.62 16.39 26.78
CA GLU A 228 9.00 16.85 26.74
C GLU A 228 9.84 15.90 25.95
N PHE A 229 9.66 14.60 26.16
CA PHE A 229 10.29 13.58 25.37
C PHE A 229 10.01 13.73 23.84
N PHE A 230 8.75 13.87 23.49
CA PHE A 230 8.34 14.06 22.11
C PHE A 230 9.01 15.28 21.54
N THR A 231 8.99 16.39 22.29
CA THR A 231 9.68 17.60 21.83
C THR A 231 11.17 17.31 21.52
N LYS A 232 11.87 16.58 22.40
CA LYS A 232 13.26 16.24 22.11
C LYS A 232 13.33 15.48 20.82
N CYS A 233 12.46 14.51 20.65
CA CYS A 233 12.46 13.72 19.41
C CYS A 233 12.27 14.54 18.12
N THR A 234 11.52 15.65 18.20
CA THR A 234 11.19 16.49 17.00
C THR A 234 12.44 17.18 16.43
N THR A 235 13.51 17.28 17.23
CA THR A 235 14.83 17.75 16.75
C THR A 235 15.30 16.93 15.59
N PHE A 236 14.87 15.67 15.56
CA PHE A 236 15.33 14.75 14.58
C PHE A 236 14.36 14.57 13.44
N MET A 237 13.27 15.33 13.48
CA MET A 237 12.20 15.25 12.52
C MET A 237 12.27 16.44 11.56
N HIS A 238 12.75 16.17 10.34
CA HIS A 238 13.07 17.21 9.35
C HIS A 238 11.85 18.06 9.03
N TYR A 239 10.71 17.43 8.88
CA TYR A 239 9.53 18.11 8.28
C TYR A 239 8.35 18.31 9.28
N TYR A 240 8.58 18.12 10.60
CA TYR A 240 7.54 18.31 11.56
C TYR A 240 6.99 19.72 11.54
N PRO A 241 5.67 19.89 11.35
CA PRO A 241 5.24 21.28 11.20
C PRO A 241 5.49 22.04 12.49
N SER A 242 5.92 23.30 12.40
CA SER A 242 6.43 24.01 13.59
C SER A 242 6.33 25.51 13.35
N GLY A 243 6.43 26.23 14.45
CA GLY A 243 6.38 27.69 14.39
C GLY A 243 5.09 28.20 13.77
N GLU A 244 5.24 29.03 12.76
CA GLU A 244 4.09 29.60 12.08
C GLU A 244 3.19 28.50 11.53
N HIS A 245 3.77 27.33 11.23
CA HIS A 245 3.03 26.20 10.63
C HIS A 245 2.68 25.07 11.56
N LYS A 246 2.76 25.30 12.85
CA LYS A 246 2.44 24.26 13.78
C LYS A 246 0.93 23.85 13.84
N ASN A 247 0.10 24.62 13.18
CA ASN A 247 -1.32 24.37 13.08
C ASN A 247 -1.66 23.48 11.85
N LEU A 248 -0.67 23.12 11.03
CA LEU A 248 -0.83 22.25 9.86
C LEU A 248 -0.44 20.81 10.12
N LEU A 249 -1.17 19.90 9.44
CA LEU A 249 -0.86 18.45 9.60
C LEU A 249 0.41 18.02 8.85
N ARG A 250 0.70 18.73 7.76
CA ARG A 250 1.85 18.53 6.90
C ARG A 250 2.42 19.82 6.37
N LEU A 251 3.76 19.83 6.30
CA LEU A 251 4.52 20.90 5.69
C LEU A 251 4.19 20.96 4.21
N ALA A 252 3.87 19.82 3.62
CA ALA A 252 3.49 19.74 2.18
C ALA A 252 2.29 20.61 1.85
N CME A 253 1.49 20.96 2.86
CA CME A 253 0.40 21.91 2.66
CB CME A 253 -0.61 21.99 3.85
SG CME A 253 -1.36 20.43 4.35
SD CME A 253 -2.11 19.76 2.51
CE CME A 253 -0.90 18.48 2.20
CZ CME A 253 -0.69 18.34 0.73
OH CME A 253 -2.04 18.24 0.23
C CME A 253 0.86 23.29 2.30
O CME A 253 0.05 24.08 1.74
N THR A 254 2.14 23.60 2.53
CA THR A 254 2.72 24.88 2.18
C THR A 254 3.48 24.90 0.88
N LEU A 255 3.53 23.82 0.13
CA LEU A 255 4.30 23.82 -1.10
C LEU A 255 3.83 24.89 -2.05
N LYS A 256 4.77 25.50 -2.75
CA LYS A 256 4.42 26.56 -3.65
C LYS A 256 4.64 26.07 -5.07
N PRO A 257 3.90 26.63 -6.03
CA PRO A 257 4.05 26.26 -7.42
C PRO A 257 5.51 26.25 -7.84
N ASP A 258 5.88 25.25 -8.62
CA ASP A 258 7.25 25.00 -9.03
C ASP A 258 7.14 23.95 -10.13
N PRO A 259 7.22 24.38 -11.38
CA PRO A 259 6.85 23.46 -12.48
C PRO A 259 7.79 22.24 -12.54
N GLU A 260 9.06 22.42 -12.26
CA GLU A 260 10.02 21.30 -12.19
C GLU A 260 9.65 20.25 -11.18
N LEU A 261 9.35 20.68 -9.97
CA LEU A 261 8.89 19.80 -8.91
C LEU A 261 7.57 19.12 -9.29
N GLU A 262 6.65 19.91 -9.82
CA GLU A 262 5.36 19.32 -10.17
C GLU A 262 5.49 18.31 -11.28
N MET A 263 6.27 18.63 -12.28
CA MET A 263 6.53 17.60 -13.34
C MET A 263 7.04 16.25 -12.75
N SER A 264 7.94 16.35 -11.79
CA SER A 264 8.50 15.19 -11.16
C SER A 264 7.47 14.47 -10.30
N LEU A 265 6.69 15.20 -9.48
CA LEU A 265 5.73 14.55 -8.63
C LEU A 265 4.54 13.94 -9.36
N GLN A 266 4.08 14.58 -10.42
CA GLN A 266 2.90 14.07 -11.08
C GLN A 266 3.04 12.67 -11.70
N LYS A 267 4.29 12.30 -12.02
CA LYS A 267 4.61 11.01 -12.61
C LYS A 267 4.24 9.85 -11.71
N TYR A 268 4.03 10.12 -10.41
CA TYR A 268 3.57 9.09 -9.49
C TYR A 268 2.10 8.89 -9.42
N VAL A 269 1.31 9.79 -9.99
CA VAL A 269 -0.13 9.83 -9.77
C VAL A 269 -0.81 9.43 -11.08
N MET A 270 -1.90 8.66 -10.99
CA MET A 270 -2.61 8.18 -12.20
CA MET A 270 -2.55 8.18 -12.22
C MET A 270 -3.30 9.31 -12.93
N GLU A 271 -3.44 9.16 -14.24
CA GLU A 271 -3.99 10.20 -15.10
C GLU A 271 -5.40 10.61 -14.67
N SER A 272 -6.24 9.64 -14.30
CA SER A 272 -7.63 9.92 -13.88
C SER A 272 -7.65 10.73 -12.63
N ILE A 273 -6.64 10.55 -11.78
CA ILE A 273 -6.59 11.37 -10.56
C ILE A 273 -6.16 12.81 -10.88
N LEU A 274 -5.16 12.94 -11.76
CA LEU A 274 -4.72 14.28 -12.21
C LEU A 274 -5.89 15.01 -12.84
N LYS A 275 -6.74 14.30 -13.61
CA LYS A 275 -7.93 14.95 -14.19
C LYS A 275 -8.86 15.58 -13.11
N GLN A 276 -9.02 14.85 -12.06
CA GLN A 276 -9.84 15.34 -10.95
C GLN A 276 -9.21 16.46 -10.23
N ILE A 277 -7.91 16.32 -9.95
CA ILE A 277 -7.13 17.47 -9.41
C ILE A 277 -7.25 18.69 -10.22
N ASP A 278 -7.28 18.49 -11.54
CA ASP A 278 -7.32 19.61 -12.43
C ASP A 278 -8.76 20.15 -12.69
N ASN A 279 -9.76 19.61 -11.96
CA ASN A 279 -11.17 20.07 -11.99
C ASN A 279 -11.73 19.86 -13.39
N LYS A 280 -11.36 18.75 -13.97
CA LYS A 280 -11.81 18.36 -15.30
C LYS A 280 -12.74 17.19 -15.24
N GLN A 281 -13.08 16.79 -14.01
CA GLN A 281 -14.00 15.72 -13.82
C GLN A 281 -14.70 15.91 -12.44
N LEU A 282 -15.97 15.54 -12.35
CA LEU A 282 -16.67 15.61 -11.03
C LEU A 282 -16.01 14.64 -10.05
N GLN A 283 -15.84 15.08 -8.81
CA GLN A 283 -15.29 14.23 -7.76
C GLN A 283 -16.02 12.91 -7.53
N GLY A 284 -17.34 12.95 -7.65
CA GLY A 284 -18.16 11.80 -7.36
C GLY A 284 -17.70 10.57 -8.09
N TYR A 285 -17.08 10.75 -9.27
CA TYR A 285 -16.89 9.64 -10.14
C TYR A 285 -15.74 8.77 -9.85
N LEU A 286 -14.75 9.10 -9.05
CA LEU A 286 -13.77 8.10 -8.76
C LEU A 286 -14.09 7.15 -7.63
N SER A 287 -15.12 7.38 -6.85
CA SER A 287 -15.59 6.41 -5.84
C SER A 287 -16.60 5.55 -6.49
N GLU A 288 -16.23 4.28 -6.68
CA GLU A 288 -17.22 3.40 -7.27
C GLU A 288 -17.08 1.98 -6.81
N LEU A 289 -18.17 1.26 -6.86
CA LEU A 289 -18.14 -0.18 -6.72
C LEU A 289 -18.25 -0.70 -8.17
N ARG A 290 -17.13 -1.13 -8.77
CA ARG A 290 -17.18 -1.54 -10.18
C ARG A 290 -16.62 -2.96 -10.37
N PRO A 291 -17.13 -3.61 -11.45
CA PRO A 291 -16.67 -4.92 -11.73
C PRO A 291 -15.34 -4.76 -12.42
N VAL A 292 -14.30 -5.36 -11.83
CA VAL A 292 -13.00 -5.28 -12.46
C VAL A 292 -12.37 -6.67 -12.40
N THR A 293 -11.22 -6.79 -13.05
CA THR A 293 -10.38 -7.95 -12.95
C THR A 293 -9.05 -7.48 -12.34
N ILE A 294 -8.64 -8.17 -11.27
CA ILE A 294 -7.41 -7.95 -10.58
C ILE A 294 -6.43 -8.95 -11.10
N VAL A 295 -5.25 -8.45 -11.51
CA VAL A 295 -4.11 -9.26 -11.88
C VAL A 295 -2.96 -8.96 -10.86
N PHE A 296 -2.73 -9.90 -9.95
CA PHE A 296 -1.78 -9.71 -8.85
C PHE A 296 -0.53 -10.47 -9.20
N VAL A 297 0.48 -9.74 -9.61
CA VAL A 297 1.73 -10.31 -10.03
C VAL A 297 2.75 -10.36 -8.89
N ASN A 298 3.41 -11.51 -8.68
CA ASN A 298 4.46 -11.62 -7.67
C ASN A 298 5.76 -12.13 -8.27
N LEU A 299 6.84 -11.41 -7.96
CA LEU A 299 8.18 -11.73 -8.40
C LEU A 299 9.02 -12.07 -7.18
N MET A 300 9.52 -13.29 -7.14
CA MET A 300 10.40 -13.68 -6.04
C MET A 300 11.86 -13.68 -6.45
N PHE A 301 12.73 -13.23 -5.56
CA PHE A 301 14.19 -13.22 -5.83
C PHE A 301 14.94 -14.10 -4.81
N GLU A 302 16.19 -14.41 -5.12
CA GLU A 302 17.06 -15.17 -4.16
C GLU A 302 17.11 -14.42 -2.83
N ASP A 303 17.42 -13.11 -2.89
CA ASP A 303 17.50 -12.24 -1.71
C ASP A 303 16.74 -10.92 -1.89
N GLN A 304 15.56 -10.85 -1.26
CA GLN A 304 14.60 -9.73 -1.49
C GLN A 304 14.87 -8.50 -0.61
N ASP A 305 15.95 -8.57 0.18
CA ASP A 305 16.45 -7.46 1.02
C ASP A 305 17.61 -6.70 0.37
N LYS A 306 18.03 -7.16 -0.81
CA LYS A 306 19.27 -6.69 -1.44
C LYS A 306 18.90 -5.77 -2.59
N ALA A 307 18.71 -4.49 -2.30
CA ALA A 307 18.21 -3.53 -3.30
C ALA A 307 19.01 -3.45 -4.62
N GLU A 308 20.33 -3.56 -4.56
CA GLU A 308 21.10 -3.30 -5.76
C GLU A 308 21.06 -4.52 -6.64
N GLU A 309 20.72 -5.68 -6.09
CA GLU A 309 20.41 -6.84 -6.92
C GLU A 309 19.02 -6.84 -7.56
N ILE A 310 18.01 -6.63 -6.71
CA ILE A 310 16.64 -6.70 -7.14
C ILE A 310 16.18 -5.46 -7.87
N GLY A 311 16.72 -4.29 -7.58
CA GLY A 311 16.32 -3.04 -8.25
C GLY A 311 16.34 -3.09 -9.77
N PRO A 312 17.47 -3.52 -10.37
CA PRO A 312 17.44 -3.66 -11.83
C PRO A 312 16.33 -4.58 -12.37
N ALA A 313 16.11 -5.68 -11.67
CA ALA A 313 15.15 -6.69 -12.14
C ALA A 313 13.73 -6.10 -12.08
N ILE A 314 13.43 -5.36 -11.03
CA ILE A 314 12.10 -4.74 -10.87
C ILE A 314 11.87 -3.71 -11.97
N GLN A 315 12.92 -2.95 -12.30
CA GLN A 315 12.84 -1.95 -13.36
C GLN A 315 12.58 -2.64 -14.69
N ASP A 316 13.34 -3.69 -14.94
CA ASP A 316 13.13 -4.48 -16.15
C ASP A 316 11.73 -5.06 -16.28
N ALA A 317 11.27 -5.68 -15.21
CA ALA A 317 9.93 -6.21 -15.12
C ALA A 317 8.91 -5.12 -15.32
N TYR A 318 9.10 -3.98 -14.61
CA TYR A 318 8.23 -2.85 -14.79
C TYR A 318 8.14 -2.43 -16.26
N MET A 319 9.26 -2.30 -16.95
CA MET A 319 9.18 -1.80 -18.31
C MET A 319 8.26 -2.70 -19.17
N HIS A 320 8.39 -4.02 -19.01
CA HIS A 320 7.58 -4.93 -19.77
C HIS A 320 6.16 -4.92 -19.34
N ILE A 321 5.93 -4.96 -18.04
CA ILE A 321 4.57 -4.91 -17.50
C ILE A 321 3.80 -3.71 -18.01
N THR A 322 4.38 -2.52 -17.90
CA THR A 322 3.65 -1.35 -18.31
C THR A 322 3.34 -1.43 -19.82
N SER A 323 4.25 -1.98 -20.59
CA SER A 323 3.99 -2.05 -22.03
C SER A 323 2.86 -3.04 -22.39
N VAL A 324 2.84 -4.21 -21.79
CA VAL A 324 1.72 -5.12 -22.10
C VAL A 324 0.39 -4.70 -21.46
N LEU A 325 0.46 -4.09 -20.29
CA LEU A 325 -0.78 -3.58 -19.71
C LEU A 325 -1.37 -2.54 -20.67
N LYS A 326 -0.53 -1.71 -21.30
CA LYS A 326 -1.00 -0.70 -22.30
C LYS A 326 -1.84 -1.36 -23.40
N ILE A 327 -1.25 -2.38 -24.00
CA ILE A 327 -1.86 -3.18 -25.03
C ILE A 327 -3.19 -3.82 -24.63
N PHE A 328 -3.21 -4.49 -23.46
CA PHE A 328 -4.38 -5.24 -23.00
C PHE A 328 -5.32 -4.35 -22.18
N GLN A 329 -5.03 -3.04 -22.13
CA GLN A 329 -5.81 -2.04 -21.38
C GLN A 329 -5.98 -2.22 -19.86
N GLY A 330 -4.85 -2.38 -19.15
CA GLY A 330 -4.86 -2.45 -17.71
C GLY A 330 -3.96 -1.42 -17.12
N GLN A 331 -3.96 -1.36 -15.79
CA GLN A 331 -3.14 -0.39 -15.09
C GLN A 331 -2.50 -0.96 -13.89
N ILE A 332 -1.36 -0.40 -13.57
CA ILE A 332 -0.69 -0.74 -12.30
C ILE A 332 -1.33 0.13 -11.26
N ASN A 333 -1.93 -0.45 -10.22
CA ASN A 333 -2.48 0.32 -9.13
C ASN A 333 -1.42 0.60 -8.09
N LYS A 334 -0.62 -0.39 -7.70
CA LYS A 334 0.32 -0.28 -6.61
C LYS A 334 1.41 -1.31 -6.76
N VAL A 335 2.62 -0.99 -6.31
CA VAL A 335 3.69 -1.97 -6.23
C VAL A 335 4.25 -1.92 -4.82
N PHE A 336 4.52 -3.10 -4.25
CA PHE A 336 5.06 -3.22 -2.93
C PHE A 336 5.71 -4.57 -2.67
N MET A 337 6.61 -4.57 -1.71
CA MET A 337 7.20 -5.81 -1.28
C MET A 337 6.17 -6.56 -0.42
N PHE A 338 5.97 -7.85 -0.74
CA PHE A 338 4.96 -8.70 -0.11
C PHE A 338 5.70 -10.01 0.16
N ASP A 339 6.07 -10.18 1.44
CA ASP A 339 7.04 -11.18 1.86
CA ASP A 339 7.00 -11.23 1.89
C ASP A 339 7.36 -12.26 0.77
N LYS A 340 8.62 -12.16 0.45
CA LYS A 340 9.18 -13.05 -0.50
C LYS A 340 9.44 -12.37 -1.82
N GLY A 341 8.67 -11.34 -2.10
CA GLY A 341 8.74 -10.72 -3.39
C GLY A 341 8.17 -9.38 -3.66
N CYS A 342 8.31 -8.96 -4.89
CA CYS A 342 7.80 -7.71 -5.32
C CYS A 342 6.49 -8.00 -6.04
N SER A 343 5.44 -7.36 -5.57
CA SER A 343 4.12 -7.52 -6.10
C SER A 343 3.62 -6.31 -6.80
N PHE A 344 3.02 -6.54 -7.97
CA PHE A 344 2.33 -5.54 -8.72
C PHE A 344 0.87 -5.84 -8.68
N LEU A 345 0.08 -4.89 -8.18
CA LEU A 345 -1.37 -5.03 -8.18
C LEU A 345 -1.88 -4.26 -9.36
N CYS A 346 -2.34 -5.01 -10.37
CA CYS A 346 -2.78 -4.49 -11.61
C CYS A 346 -4.26 -4.69 -11.76
N VAL A 347 -4.88 -3.71 -12.42
CA VAL A 347 -6.33 -3.68 -12.58
C VAL A 347 -6.78 -3.46 -14.04
N PHE A 348 -7.76 -4.28 -14.42
CA PHE A 348 -8.47 -4.17 -15.70
C PHE A 348 -9.90 -3.73 -15.43
N GLY A 349 -10.30 -2.65 -16.11
CA GLY A 349 -11.63 -2.02 -15.93
C GLY A 349 -11.70 -0.76 -15.01
N PHE A 350 -10.58 -0.10 -14.71
CA PHE A 350 -10.54 1.15 -13.92
C PHE A 350 -11.23 2.25 -14.73
N PRO A 351 -11.65 3.34 -14.10
CA PRO A 351 -12.18 4.51 -14.86
C PRO A 351 -11.55 4.74 -16.27
N GLY A 352 -12.37 4.72 -17.32
CA GLY A 352 -11.88 4.96 -18.68
C GLY A 352 -11.49 3.70 -19.46
N GLU A 353 -10.86 2.72 -18.80
CA GLU A 353 -10.44 1.48 -19.45
C GLU A 353 -11.48 0.31 -19.33
N LYS A 354 -12.78 0.64 -19.34
CA LYS A 354 -13.80 -0.40 -19.47
C LYS A 354 -13.91 -0.87 -20.93
N VAL A 355 -13.39 -2.08 -21.21
CA VAL A 355 -13.56 -2.77 -22.50
C VAL A 355 -14.44 -4.02 -22.31
N PRO A 356 -15.11 -4.45 -23.41
CA PRO A 356 -15.44 -5.87 -23.40
C PRO A 356 -14.18 -6.75 -23.70
N ASP A 357 -14.31 -8.05 -23.41
CA ASP A 357 -13.20 -9.01 -23.34
C ASP A 357 -12.13 -8.63 -22.33
N GLU A 358 -12.47 -7.81 -21.33
CA GLU A 358 -11.65 -7.53 -20.12
CA GLU A 358 -11.52 -7.53 -20.26
C GLU A 358 -10.98 -8.83 -19.64
N LEU A 359 -11.78 -9.92 -19.61
CA LEU A 359 -11.34 -11.16 -18.96
C LEU A 359 -10.29 -11.87 -19.74
N THR A 360 -10.53 -11.96 -21.04
CA THR A 360 -9.60 -12.60 -21.91
C THR A 360 -8.30 -11.83 -21.85
N HIS A 361 -8.39 -10.52 -22.00
CA HIS A 361 -7.24 -9.68 -22.00
C HIS A 361 -6.40 -9.83 -20.72
N ALA A 362 -7.08 -9.82 -19.59
CA ALA A 362 -6.43 -9.99 -18.30
C ALA A 362 -5.59 -11.29 -18.31
N LEU A 363 -6.19 -12.37 -18.80
CA LEU A 363 -5.49 -13.65 -18.92
C LEU A 363 -4.30 -13.66 -19.89
N GLU A 364 -4.46 -13.07 -21.07
CA GLU A 364 -3.38 -13.06 -22.06
C GLU A 364 -2.28 -12.14 -21.59
N CYS A 365 -2.65 -10.98 -21.03
CA CYS A 365 -1.69 -10.11 -20.39
C CYS A 365 -0.87 -10.84 -19.31
N ALA A 366 -1.57 -11.56 -18.44
CA ALA A 366 -0.95 -12.26 -17.34
C ALA A 366 0.02 -13.32 -17.86
N MET A 367 -0.39 -14.03 -18.89
CA MET A 367 0.54 -15.03 -19.42
C MET A 367 1.83 -14.43 -20.00
N ASP A 368 1.65 -13.34 -20.71
CA ASP A 368 2.75 -12.55 -21.28
C ASP A 368 3.71 -12.04 -20.23
N ILE A 369 3.17 -11.37 -19.20
CA ILE A 369 3.99 -11.00 -18.11
C ILE A 369 4.70 -12.22 -17.52
N PHE A 370 3.97 -13.32 -17.30
CA PHE A 370 4.59 -14.56 -16.72
C PHE A 370 5.80 -15.03 -17.51
N ASP A 371 5.61 -15.08 -18.84
CA ASP A 371 6.65 -15.53 -19.77
C ASP A 371 7.83 -14.64 -19.78
N PHE A 372 7.61 -13.34 -19.80
CA PHE A 372 8.71 -12.44 -19.87
C PHE A 372 9.47 -12.37 -18.55
N CYS A 373 8.74 -12.28 -17.44
CA CYS A 373 9.39 -12.05 -16.15
C CYS A 373 10.14 -13.29 -15.67
N SER A 374 9.72 -14.45 -16.14
CA SER A 374 10.37 -15.68 -15.77
C SER A 374 11.80 -15.73 -16.29
N GLN A 375 12.09 -14.95 -17.33
CA GLN A 375 13.43 -14.90 -17.92
C GLN A 375 14.27 -13.71 -17.50
N VAL A 376 13.69 -12.76 -16.79
CA VAL A 376 14.48 -11.63 -16.31
C VAL A 376 15.48 -12.19 -15.30
N HIS A 377 16.78 -11.80 -15.41
CA HIS A 377 17.83 -12.31 -14.52
C HIS A 377 17.58 -11.83 -13.08
N LYS A 378 17.69 -12.78 -12.18
CA LYS A 378 17.46 -12.62 -10.76
C LYS A 378 16.02 -12.74 -10.34
N ILE A 379 15.13 -13.04 -11.27
CA ILE A 379 13.76 -13.36 -10.88
C ILE A 379 13.71 -14.88 -10.77
N GLN A 380 13.57 -15.35 -9.55
CA GLN A 380 13.59 -16.75 -9.23
C GLN A 380 12.29 -17.40 -9.69
N THR A 381 11.18 -16.78 -9.32
CA THR A 381 9.85 -17.30 -9.58
C THR A 381 8.83 -16.21 -9.79
N VAL A 382 8.00 -16.38 -10.81
CA VAL A 382 6.81 -15.56 -11.03
C VAL A 382 5.50 -16.32 -10.66
N SER A 383 4.63 -15.61 -9.95
CA SER A 383 3.32 -16.12 -9.66
C SER A 383 2.30 -15.03 -9.95
N ILE A 384 1.18 -15.37 -10.58
CA ILE A 384 0.16 -14.38 -10.87
C ILE A 384 -1.22 -14.91 -10.61
N GLY A 385 -1.97 -14.15 -9.85
CA GLY A 385 -3.34 -14.49 -9.43
C GLY A 385 -4.29 -13.57 -10.14
N VAL A 386 -5.34 -14.14 -10.74
CA VAL A 386 -6.38 -13.36 -11.49
C VAL A 386 -7.79 -13.63 -10.97
N ALA A 387 -8.46 -12.54 -10.57
CA ALA A 387 -9.78 -12.65 -9.95
C ALA A 387 -10.62 -11.50 -10.38
N SER A 388 -11.93 -11.79 -10.54
CA SER A 388 -12.88 -10.85 -11.07
C SER A 388 -14.11 -10.77 -10.23
N GLY A 389 -14.50 -9.52 -9.98
CA GLY A 389 -15.69 -9.23 -9.22
C GLY A 389 -15.83 -7.72 -8.99
N ILE A 390 -16.78 -7.40 -8.13
CA ILE A 390 -17.12 -6.03 -7.77
C ILE A 390 -16.14 -5.66 -6.65
N VAL A 391 -15.46 -4.56 -6.89
CA VAL A 391 -14.42 -4.09 -5.99
CA VAL A 391 -14.44 -4.10 -5.97
C VAL A 391 -14.66 -2.59 -5.79
N PHE A 392 -14.40 -2.11 -4.60
CA PHE A 392 -14.35 -0.67 -4.36
C PHE A 392 -13.08 -0.04 -4.89
N CYS A 393 -13.22 1.05 -5.64
CA CYS A 393 -12.13 1.78 -6.27
C CYS A 393 -12.37 3.23 -5.80
N GLY A 394 -11.37 3.83 -5.15
CA GLY A 394 -11.60 5.21 -4.71
C GLY A 394 -10.44 5.76 -3.93
N ILE A 395 -10.56 7.04 -3.60
CA ILE A 395 -9.54 7.75 -2.80
C ILE A 395 -9.76 7.54 -1.32
N VAL A 396 -8.76 6.96 -0.68
CA VAL A 396 -8.81 6.57 0.73
C VAL A 396 -7.75 7.36 1.50
N GLY A 397 -8.13 7.85 2.67
CA GLY A 397 -7.24 8.56 3.55
C GLY A 397 -7.87 9.84 4.06
N HIS A 398 -6.99 10.79 4.27
CA HIS A 398 -7.29 12.11 4.83
C HIS A 398 -7.18 13.11 3.69
N THR A 399 -7.86 14.22 3.82
CA THR A 399 -7.71 15.31 2.87
C THR A 399 -6.24 15.64 2.60
N VAL A 400 -5.38 15.64 3.61
CA VAL A 400 -3.98 16.06 3.41
C VAL A 400 -3.08 14.90 2.94
N ARG A 401 -3.60 13.66 3.02
CA ARG A 401 -2.79 12.48 2.70
C ARG A 401 -3.72 11.29 2.36
N HIS A 402 -3.81 11.03 1.08
CA HIS A 402 -4.78 10.05 0.57
C HIS A 402 -4.30 9.51 -0.75
N GLU A 403 -4.83 8.33 -1.15
CA GLU A 403 -4.39 7.68 -2.36
C GLU A 403 -5.55 6.88 -2.95
N TYR A 404 -5.49 6.70 -4.26
CA TYR A 404 -6.45 5.84 -4.96
C TYR A 404 -6.09 4.39 -4.75
N THR A 405 -7.06 3.63 -4.31
CA THR A 405 -6.82 2.24 -4.00
C THR A 405 -8.06 1.35 -4.29
N VAL A 406 -7.87 0.06 -4.09
CA VAL A 406 -8.93 -0.95 -4.37
C VAL A 406 -9.11 -1.77 -3.09
N ILE A 407 -10.34 -2.06 -2.76
CA ILE A 407 -10.71 -2.89 -1.63
C ILE A 407 -11.78 -3.86 -2.12
N GLY A 408 -11.55 -5.14 -1.87
CA GLY A 408 -12.58 -6.16 -2.08
C GLY A 408 -12.09 -7.56 -1.88
N GLN A 409 -13.05 -8.43 -1.61
CA GLN A 409 -12.80 -9.85 -1.50
C GLN A 409 -12.05 -10.42 -2.69
N LYS A 410 -12.31 -9.98 -3.90
CA LYS A 410 -11.54 -10.44 -5.05
C LYS A 410 -10.07 -9.97 -5.09
N VAL A 411 -9.77 -8.81 -4.50
CA VAL A 411 -8.39 -8.39 -4.43
C VAL A 411 -7.63 -9.34 -3.53
N ASN A 412 -8.23 -9.62 -2.37
CA ASN A 412 -7.67 -10.53 -1.44
C ASN A 412 -7.46 -11.92 -2.09
N LEU A 413 -8.48 -12.37 -2.80
CA LEU A 413 -8.46 -13.68 -3.49
C LEU A 413 -7.26 -13.75 -4.44
N ALA A 414 -7.11 -12.76 -5.30
CA ALA A 414 -5.98 -12.73 -6.26
C ALA A 414 -4.59 -12.77 -5.56
N ALA A 415 -4.46 -12.05 -4.43
CA ALA A 415 -3.24 -12.07 -3.63
C ALA A 415 -2.99 -13.42 -2.99
N ARG A 416 -4.03 -14.02 -2.39
CA ARG A 416 -3.88 -15.30 -1.81
C ARG A 416 -3.59 -16.40 -2.88
N MET A 417 -4.24 -16.33 -4.04
CA MET A 417 -3.92 -17.30 -5.15
C MET A 417 -2.43 -17.30 -5.52
N MET A 418 -1.88 -16.13 -5.75
CA MET A 418 -0.48 -15.98 -6.13
C MET A 418 0.51 -16.56 -5.10
N MET A 419 0.12 -16.52 -3.83
CA MET A 419 0.91 -17.11 -2.73
C MET A 419 0.67 -18.60 -2.55
N TYR A 420 -0.57 -19.05 -2.63
CA TYR A 420 -0.81 -20.47 -2.42
C TYR A 420 -0.54 -21.30 -3.68
N TYR A 421 -0.45 -20.68 -4.85
CA TYR A 421 -0.21 -21.43 -6.09
C TYR A 421 0.95 -20.78 -6.76
N PRO A 422 2.17 -20.91 -6.16
CA PRO A 422 3.31 -20.25 -6.73
C PRO A 422 3.75 -20.80 -8.06
N GLY A 423 4.30 -19.95 -8.94
CA GLY A 423 5.06 -20.40 -10.10
C GLY A 423 4.12 -20.60 -11.25
N ILE A 424 2.83 -20.27 -11.11
CA ILE A 424 1.89 -20.45 -12.22
C ILE A 424 0.95 -19.24 -12.26
N VAL A 425 0.22 -19.08 -13.36
CA VAL A 425 -0.87 -18.14 -13.50
C VAL A 425 -2.17 -18.86 -13.13
N THR A 426 -2.90 -18.30 -12.15
CA THR A 426 -4.16 -18.88 -11.73
C THR A 426 -5.30 -17.91 -11.92
N CYS A 427 -6.52 -18.44 -12.03
CA CYS A 427 -7.67 -17.61 -12.08
C CYS A 427 -8.87 -18.16 -11.34
N ASP A 428 -9.81 -17.26 -11.01
CA ASP A 428 -11.02 -17.67 -10.34
C ASP A 428 -12.12 -18.16 -11.32
N SER A 429 -13.22 -18.58 -10.76
CA SER A 429 -14.26 -19.12 -11.65
C SER A 429 -14.98 -18.09 -12.55
N VAL A 430 -15.15 -16.86 -12.04
CA VAL A 430 -15.78 -15.77 -12.78
C VAL A 430 -14.92 -15.47 -14.01
N THR A 431 -13.60 -15.50 -13.83
CA THR A 431 -12.68 -15.16 -14.91
C THR A 431 -12.69 -16.30 -15.90
N TYR A 432 -12.67 -17.52 -15.36
CA TYR A 432 -12.65 -18.70 -16.21
C TYR A 432 -13.93 -18.75 -17.10
N ASN A 433 -15.05 -18.68 -16.43
CA ASN A 433 -16.34 -18.80 -17.13
C ASN A 433 -16.61 -17.64 -18.04
N GLY A 434 -16.14 -16.47 -17.65
CA GLY A 434 -16.45 -15.30 -18.43
C GLY A 434 -15.44 -15.13 -19.56
N SER A 435 -14.31 -15.85 -19.59
CA SER A 435 -13.25 -15.60 -20.64
C SER A 435 -13.78 -16.08 -22.00
N ASN A 436 -13.23 -15.54 -23.08
CA ASN A 436 -13.55 -16.02 -24.45
C ASN A 436 -12.98 -17.37 -24.75
N LEU A 437 -12.17 -17.89 -23.84
CA LEU A 437 -11.12 -18.86 -24.19
C LEU A 437 -11.60 -20.28 -24.03
N PRO A 438 -11.09 -21.22 -24.86
CA PRO A 438 -11.45 -22.65 -24.74
C PRO A 438 -11.11 -23.25 -23.40
N ALA A 439 -11.89 -24.25 -22.99
CA ALA A 439 -11.69 -24.85 -21.68
C ALA A 439 -10.31 -25.50 -21.49
N TYR A 440 -9.76 -26.12 -22.55
CA TYR A 440 -8.43 -26.77 -22.43
C TYR A 440 -7.23 -25.81 -22.38
N PHE A 441 -7.48 -24.51 -22.49
CA PHE A 441 -6.46 -23.52 -22.11
C PHE A 441 -6.22 -23.48 -20.59
N PHE A 442 -7.08 -24.15 -19.81
CA PHE A 442 -7.04 -24.08 -18.35
C PHE A 442 -6.86 -25.45 -17.78
N LYS A 443 -6.45 -25.51 -16.52
CA LYS A 443 -6.56 -26.73 -15.72
C LYS A 443 -7.29 -26.48 -14.44
N GLU A 444 -8.30 -27.28 -14.11
CA GLU A 444 -8.94 -27.21 -12.81
C GLU A 444 -7.97 -27.63 -11.66
N LEU A 445 -7.81 -26.79 -10.64
CA LEU A 445 -6.82 -27.02 -9.57
C LEU A 445 -7.39 -27.71 -8.31
N PRO A 446 -6.53 -28.42 -7.55
CA PRO A 446 -6.95 -28.83 -6.22
C PRO A 446 -7.34 -27.56 -5.38
N LYS A 447 -8.37 -27.72 -4.56
CA LYS A 447 -8.88 -26.63 -3.70
C LYS A 447 -7.96 -26.55 -2.47
N LYS A 448 -7.57 -25.34 -2.14
CA LYS A 448 -6.73 -25.07 -0.98
C LYS A 448 -7.49 -24.18 0.02
N VAL A 449 -7.36 -24.53 1.29
CA VAL A 449 -7.90 -23.69 2.37
C VAL A 449 -6.95 -22.50 2.44
N MET A 450 -7.50 -21.31 2.28
CA MET A 450 -6.66 -20.12 2.16
C MET A 450 -7.02 -19.13 3.28
N LYS A 451 -6.07 -18.27 3.64
CA LYS A 451 -6.23 -17.37 4.78
C LYS A 451 -6.94 -16.11 4.36
N GLY A 452 -8.04 -15.77 5.04
CA GLY A 452 -8.62 -14.43 4.87
C GLY A 452 -9.20 -14.27 3.48
N VAL A 453 -9.71 -15.38 2.94
CA VAL A 453 -10.50 -15.41 1.71
C VAL A 453 -11.79 -16.22 1.93
N ALA A 454 -12.94 -15.60 1.74
CA ALA A 454 -14.17 -16.23 2.21
C ALA A 454 -14.53 -17.55 1.52
N ASP A 455 -14.56 -17.54 0.20
CA ASP A 455 -14.64 -18.77 -0.58
C ASP A 455 -14.14 -18.44 -1.94
N SER A 456 -13.39 -19.38 -2.48
CA SER A 456 -12.77 -19.15 -3.77
C SER A 456 -13.74 -19.51 -4.88
N GLY A 457 -14.47 -20.65 -4.72
CA GLY A 457 -15.21 -21.38 -5.83
C GLY A 457 -14.10 -22.14 -6.54
N PRO A 458 -14.37 -22.87 -7.63
CA PRO A 458 -13.20 -23.56 -8.24
C PRO A 458 -12.18 -22.58 -8.80
N LEU A 459 -10.91 -22.97 -8.68
CA LEU A 459 -9.79 -22.20 -9.20
C LEU A 459 -9.14 -22.98 -10.33
N TYR A 460 -8.48 -22.27 -11.21
CA TYR A 460 -7.87 -22.85 -12.38
C TYR A 460 -6.53 -22.26 -12.59
N GLN A 461 -5.75 -23.04 -13.26
CA GLN A 461 -4.49 -22.59 -13.78
C GLN A 461 -4.77 -22.21 -15.22
N TYR A 462 -4.27 -21.04 -15.64
CA TYR A 462 -4.27 -20.68 -17.01
C TYR A 462 -3.01 -21.33 -17.55
N TRP A 463 -3.23 -22.44 -18.27
CA TRP A 463 -2.20 -23.23 -18.86
C TRP A 463 -1.72 -22.50 -20.11
N GLY A 464 -2.62 -21.85 -20.82
CA GLY A 464 -2.27 -21.19 -22.06
C GLY A 464 -2.55 -22.02 -23.31
N ARG A 465 -2.28 -21.38 -24.46
CA ARG A 465 -2.87 -21.71 -25.77
C ARG A 465 -2.33 -23.01 -26.31
N THR A 466 -1.01 -23.18 -26.23
CA THR A 466 -0.40 -24.44 -26.70
C THR A 466 -0.27 -25.40 -25.49
N GLU A 467 -0.25 -26.67 -25.83
CA GLU A 467 -0.10 -27.75 -24.88
C GLU A 467 1.34 -27.74 -24.30
N LYS A 468 1.45 -28.19 -23.04
CA LYS A 468 2.72 -28.55 -22.36
C LYS A 468 2.68 -30.00 -21.73
N VAL A 469 1.47 -30.60 -21.72
CA VAL A 469 1.18 -31.92 -21.15
C VAL A 469 0.56 -31.81 -19.76
PG APC B . -10.12 -7.44 5.22
O1G APC B . -10.26 -8.48 4.09
O2G APC B . -8.98 -6.48 4.75
O3G APC B . -11.46 -6.80 5.69
PB APC B . -7.90 -8.67 6.67
O1B APC B . -6.99 -7.57 7.08
O2B APC B . -8.02 -9.49 8.04
O3B APC B . -9.45 -8.16 6.54
PA APC B . -5.63 -9.94 5.08
O1A APC B . -4.75 -8.74 5.31
O2A APC B . -5.39 -11.30 5.90
C3A APC B . -7.41 -9.49 5.13
O5' APC B . -5.30 -9.95 3.52
C5' APC B . -5.65 -10.77 2.48
C4' APC B . -4.53 -10.37 1.54
O4' APC B . -4.93 -9.46 0.52
C3' APC B . -3.30 -9.69 2.16
O3' APC B . -2.25 -10.49 1.57
C2' APC B . -3.24 -8.27 1.63
O2' APC B . -1.89 -7.77 1.50
C1' APC B . -3.89 -8.48 0.25
N9 APC B . -4.49 -7.23 -0.29
C8 APC B . -5.82 -6.98 -0.33
N7 APC B . -6.10 -5.76 -0.85
C5 APC B . -4.94 -5.19 -1.18
C6 APC B . -4.54 -3.86 -1.74
N6 APC B . -5.40 -2.90 -2.15
N1 APC B . -3.21 -3.68 -1.85
C2 APC B . -2.30 -4.62 -1.54
N3 APC B . -2.58 -5.81 -1.02
C4 APC B . -3.88 -6.16 -0.83
CA CA C . -7.05 -5.50 5.70
CL CL D . 6.33 0.44 -0.29
CL CL E . 3.34 2.02 -6.11
C1 EDO F . -0.21 1.09 -17.97
O1 EDO F . 0.46 0.97 -19.26
C2 EDO F . 0.76 1.08 -16.77
O2 EDO F . 0.08 1.34 -15.53
C1 EDO G . 11.53 22.13 5.97
O1 EDO G . 12.28 21.01 5.56
C2 EDO G . 10.92 21.91 7.37
O2 EDO G . 10.26 23.14 7.70
C1 EDO H . 8.48 22.46 9.54
O1 EDO H . 9.69 22.07 10.22
C2 EDO H . 7.74 23.46 10.39
O2 EDO H . 6.72 24.17 9.68
C1 EDO I . 8.92 14.81 10.53
O1 EDO I . 9.76 14.77 9.29
C2 EDO I . 7.38 14.61 10.54
O2 EDO I . 6.40 15.55 10.02
C1 EDO J . 7.76 -19.30 -12.33
O1 EDO J . 8.48 -18.20 -12.90
C2 EDO J . 7.96 -20.55 -13.23
O2 EDO J . 7.20 -21.60 -12.64
C1 EDO K . 12.80 19.18 -9.19
O1 EDO K . 12.23 17.86 -8.96
C2 EDO K . 12.60 20.13 -8.00
O2 EDO K . 12.54 21.56 -8.34
#